data_3E9C
#
_entry.id   3E9C
#
_cell.length_a   136.672
_cell.length_b   136.672
_cell.length_c   66.753
_cell.angle_alpha   90.000
_cell.angle_beta   90.000
_cell.angle_gamma   120.000
#
_symmetry.space_group_name_H-M   'P 65'
#
loop_
_entity.id
_entity.type
_entity.pdbx_description
1 polymer Zgc:56074
2 non-polymer 'POTASSIUM ION'
3 water water
#
_entity_poly.entity_id   1
_entity_poly.type   'polypeptide(L)'
_entity_poly.pdbx_seq_one_letter_code
;MLTFALTIVRHGETQYNRDKLLQGQGIDTPLSDTGHQQAAAAGRYLKDLHFTNVFVSNLQRAIQTAEIILGNNLHSSATE
MILDPLLRERGFGVAEGRPKEHLKNMANAAGQSCRDYTPPGGETLEQVKTRFKMFLKSLFQRMFEEHGSALSSVPSEADQ
PVIAGLADDGAQNVPVHALMVSHGAFIRISVRHLVEDLQCCLPAGLKMNQVFSPCPNTGISRFIFTIHREESVLRATRIQ
GVFINRKDHLEEVKNSDLEHHHHHH
;
_entity_poly.pdbx_strand_id   A,B
#
loop_
_chem_comp.id
_chem_comp.type
_chem_comp.name
_chem_comp.formula
K non-polymer 'POTASSIUM ION' 'K 1'
#
# COMPACT_ATOMS: atom_id res chain seq x y z
N MET A 1 7.79 20.92 -4.70
CA MET A 1 6.88 19.74 -4.71
C MET A 1 5.97 19.67 -5.93
N LEU A 2 5.91 18.51 -6.57
CA LEU A 2 5.09 18.32 -7.75
C LEU A 2 4.34 16.99 -7.69
N THR A 3 3.03 17.07 -7.93
CA THR A 3 2.18 15.89 -8.06
C THR A 3 1.76 15.72 -9.52
N PHE A 4 1.88 14.49 -10.03
CA PHE A 4 1.46 14.19 -11.41
C PHE A 4 0.88 12.79 -11.52
N ALA A 5 0.02 12.60 -12.51
CA ALA A 5 -0.62 11.32 -12.77
C ALA A 5 0.20 10.57 -13.82
N LEU A 6 0.20 9.24 -13.70
CA LEU A 6 0.80 8.37 -14.70
C LEU A 6 -0.21 7.33 -15.11
N THR A 7 -0.55 7.29 -16.38
CA THR A 7 -1.44 6.27 -16.91
C THR A 7 -0.54 5.35 -17.69
N ILE A 8 -0.71 4.04 -17.44
CA ILE A 8 0.13 3.00 -18.02
C ILE A 8 -0.74 2.04 -18.81
N VAL A 9 -0.37 1.84 -20.08
CA VAL A 9 -1.15 1.00 -20.98
C VAL A 9 -0.25 0.00 -21.69
N ARG A 10 -0.67 -1.28 -21.68
CA ARG A 10 0.03 -2.28 -22.48
C ARG A 10 -0.39 -2.15 -23.94
N HIS A 11 0.54 -2.34 -24.87
CA HIS A 11 0.21 -2.32 -26.31
C HIS A 11 -0.93 -3.30 -26.67
N GLY A 12 -1.58 -3.06 -27.81
CA GLY A 12 -2.58 -3.99 -28.32
C GLY A 12 -2.00 -5.30 -28.83
N GLU A 13 -2.89 -6.27 -29.06
CA GLU A 13 -2.53 -7.55 -29.68
C GLU A 13 -1.63 -7.36 -30.90
N THR A 14 -0.53 -8.10 -30.94
CA THR A 14 0.43 -7.90 -32.03
C THR A 14 0.11 -8.81 -33.22
N ASP A 28 10.03 -7.04 -34.33
CA ASP A 28 9.28 -5.79 -34.24
C ASP A 28 7.98 -5.76 -35.08
N THR A 29 7.07 -6.68 -34.76
CA THR A 29 5.75 -6.83 -35.38
C THR A 29 4.79 -5.64 -35.12
N PRO A 30 3.95 -5.29 -36.12
CA PRO A 30 2.87 -4.36 -35.87
C PRO A 30 1.66 -5.00 -35.16
N LEU A 31 0.68 -4.17 -34.82
CA LEU A 31 -0.58 -4.63 -34.23
C LEU A 31 -1.36 -5.49 -35.22
N SER A 32 -2.14 -6.43 -34.71
CA SER A 32 -3.14 -7.11 -35.52
C SER A 32 -4.35 -6.18 -35.69
N ASP A 33 -5.35 -6.66 -36.44
CA ASP A 33 -6.59 -5.92 -36.61
C ASP A 33 -7.35 -5.81 -35.29
N THR A 34 -7.32 -6.87 -34.50
CA THR A 34 -7.86 -6.88 -33.17
C THR A 34 -7.09 -5.86 -32.30
N GLY A 35 -5.76 -5.91 -32.39
CA GLY A 35 -4.87 -4.93 -31.75
C GLY A 35 -5.24 -3.48 -31.97
N HIS A 36 -5.44 -3.10 -33.24
CA HIS A 36 -5.93 -1.77 -33.62
C HIS A 36 -7.25 -1.42 -32.92
N GLN A 37 -8.16 -2.37 -32.88
CA GLN A 37 -9.47 -2.14 -32.28
C GLN A 37 -9.41 -2.01 -30.77
N GLN A 38 -8.54 -2.80 -30.14
CA GLN A 38 -8.28 -2.66 -28.70
C GLN A 38 -7.73 -1.26 -28.39
N ALA A 39 -6.76 -0.82 -29.20
CA ALA A 39 -6.14 0.48 -29.03
C ALA A 39 -7.14 1.62 -29.25
N ALA A 40 -8.01 1.49 -30.27
CA ALA A 40 -9.07 2.50 -30.51
C ALA A 40 -10.07 2.54 -29.37
N ALA A 41 -10.45 1.37 -28.87
CA ALA A 41 -11.33 1.29 -27.70
C ALA A 41 -10.70 1.96 -26.48
N ALA A 42 -9.41 1.72 -26.26
CA ALA A 42 -8.69 2.39 -25.15
C ALA A 42 -8.57 3.90 -25.40
N GLY A 43 -8.30 4.30 -26.65
CA GLY A 43 -8.28 5.70 -27.02
C GLY A 43 -9.61 6.41 -26.74
N ARG A 44 -10.71 5.76 -27.09
CA ARG A 44 -12.04 6.31 -26.84
C ARG A 44 -12.32 6.42 -25.35
N TYR A 45 -11.85 5.42 -24.59
CA TYR A 45 -12.00 5.40 -23.16
C TYR A 45 -11.26 6.55 -22.52
N LEU A 46 -10.05 6.84 -23.03
CA LEU A 46 -9.19 7.89 -22.49
C LEU A 46 -9.37 9.28 -23.13
N LYS A 47 -10.39 9.44 -23.98
CA LYS A 47 -10.42 10.61 -24.89
C LYS A 47 -10.51 11.99 -24.23
N ASP A 48 -11.12 12.06 -23.04
CA ASP A 48 -11.31 13.29 -22.29
C ASP A 48 -10.19 13.60 -21.31
N LEU A 49 -9.11 12.82 -21.38
CA LEU A 49 -7.94 13.08 -20.56
C LEU A 49 -6.95 13.90 -21.32
N HIS A 50 -6.39 14.88 -20.64
CA HIS A 50 -5.29 15.65 -21.20
C HIS A 50 -3.96 15.03 -20.76
N PHE A 51 -3.28 14.37 -21.69
CA PHE A 51 -1.93 13.87 -21.42
C PHE A 51 -0.94 14.95 -21.80
N THR A 52 -0.22 15.48 -20.84
CA THR A 52 0.75 16.54 -21.08
C THR A 52 2.10 15.96 -21.57
N ASN A 53 2.31 14.66 -21.34
CA ASN A 53 3.53 13.97 -21.74
C ASN A 53 3.20 12.53 -22.13
N VAL A 54 3.87 12.02 -23.16
CA VAL A 54 3.67 10.66 -23.63
C VAL A 54 5.04 9.99 -23.81
N PHE A 55 5.18 8.80 -23.23
CA PHE A 55 6.40 7.99 -23.33
C PHE A 55 6.03 6.59 -23.81
N VAL A 56 6.83 6.07 -24.74
CA VAL A 56 6.49 4.82 -25.41
C VAL A 56 7.76 4.04 -25.74
N SER A 57 7.73 2.72 -25.65
CA SER A 57 8.88 1.93 -26.07
C SER A 57 9.12 2.13 -27.58
N ASN A 58 10.34 1.87 -28.03
CA ASN A 58 10.67 2.02 -29.46
C ASN A 58 10.05 0.95 -30.38
N LEU A 59 9.32 -0.01 -29.81
CA LEU A 59 8.73 -1.09 -30.62
C LEU A 59 7.43 -0.67 -31.27
N GLN A 60 7.28 -1.03 -32.55
CA GLN A 60 6.13 -0.61 -33.36
C GLN A 60 4.78 -0.86 -32.73
N ARG A 61 4.59 -2.06 -32.18
CA ARG A 61 3.32 -2.38 -31.53
C ARG A 61 2.94 -1.39 -30.43
N ALA A 62 3.94 -0.89 -29.69
CA ALA A 62 3.70 0.11 -28.66
C ALA A 62 3.46 1.50 -29.27
N ILE A 63 4.32 1.87 -30.21
CA ILE A 63 4.16 3.16 -30.93
C ILE A 63 2.75 3.29 -31.55
N GLN A 64 2.31 2.26 -32.26
CA GLN A 64 0.98 2.26 -32.90
C GLN A 64 -0.15 2.37 -31.90
N THR A 65 -0.01 1.69 -30.77
CA THR A 65 -1.00 1.80 -29.69
C THR A 65 -1.09 3.23 -29.18
N ALA A 66 0.07 3.82 -28.88
CA ALA A 66 0.17 5.23 -28.48
C ALA A 66 -0.43 6.20 -29.53
N GLU A 67 -0.07 5.99 -30.80
CA GLU A 67 -0.61 6.79 -31.91
C GLU A 67 -2.13 6.73 -31.99
N ILE A 68 -2.67 5.53 -31.86
CA ILE A 68 -4.12 5.34 -31.87
C ILE A 68 -4.78 6.00 -30.66
N ILE A 69 -4.20 5.82 -29.47
CA ILE A 69 -4.75 6.47 -28.28
C ILE A 69 -4.81 8.00 -28.49
N LEU A 70 -3.72 8.57 -28.98
CA LEU A 70 -3.61 10.02 -29.18
C LEU A 70 -4.53 10.52 -30.31
N GLY A 71 -4.65 9.72 -31.36
CA GLY A 71 -5.56 10.03 -32.48
C GLY A 71 -7.02 10.04 -32.08
N ASN A 72 -7.33 9.38 -30.96
CA ASN A 72 -8.69 9.38 -30.42
C ASN A 72 -8.91 10.40 -29.31
N ASN A 73 -7.85 11.08 -28.89
CA ASN A 73 -7.91 11.97 -27.73
C ASN A 73 -8.34 13.39 -28.11
N LEU A 74 -9.14 14.01 -27.26
CA LEU A 74 -9.71 15.34 -27.53
C LEU A 74 -8.84 16.53 -27.09
N HIS A 75 -7.78 16.27 -26.31
CA HIS A 75 -7.06 17.34 -25.61
C HIS A 75 -5.56 17.39 -25.90
N SER A 76 -5.01 16.29 -26.40
CA SER A 76 -3.57 16.10 -26.31
C SER A 76 -2.84 16.26 -27.64
N SER A 77 -3.43 17.04 -28.55
CA SER A 77 -2.89 17.28 -29.90
C SER A 77 -1.50 17.91 -29.91
N ALA A 78 -1.20 18.70 -28.88
CA ALA A 78 0.07 19.44 -28.87
C ALA A 78 1.13 18.72 -28.05
N THR A 79 0.83 17.49 -27.65
CA THR A 79 1.77 16.68 -26.87
C THR A 79 2.58 15.78 -27.78
N GLU A 80 3.90 15.89 -27.70
CA GLU A 80 4.81 15.07 -28.51
C GLU A 80 5.10 13.73 -27.83
N MET A 81 5.15 12.68 -28.65
CA MET A 81 5.45 11.34 -28.19
C MET A 81 6.96 11.18 -28.08
N ILE A 82 7.45 10.74 -26.92
CA ILE A 82 8.87 10.46 -26.73
C ILE A 82 9.08 8.94 -26.73
N LEU A 83 9.96 8.47 -27.62
CA LEU A 83 10.37 7.06 -27.64
C LEU A 83 11.49 6.81 -26.64
N ASP A 84 11.29 5.85 -25.74
CA ASP A 84 12.29 5.54 -24.74
C ASP A 84 12.54 4.03 -24.72
N PRO A 85 13.75 3.60 -25.15
CA PRO A 85 14.15 2.20 -25.15
C PRO A 85 14.07 1.55 -23.76
N LEU A 86 14.19 2.35 -22.70
CA LEU A 86 14.02 1.85 -21.32
C LEU A 86 12.68 1.14 -21.10
N LEU A 87 11.69 1.48 -21.93
CA LEU A 87 10.36 0.87 -21.86
C LEU A 87 10.17 -0.42 -22.66
N ARG A 88 11.23 -0.90 -23.32
CA ARG A 88 11.17 -2.12 -24.11
C ARG A 88 10.82 -3.34 -23.25
N GLU A 89 10.24 -4.35 -23.91
CA GLU A 89 9.89 -5.60 -23.23
C GLU A 89 11.13 -6.29 -22.67
N ARG A 90 10.94 -7.01 -21.56
CA ARG A 90 11.97 -7.94 -21.08
C ARG A 90 12.54 -8.74 -22.25
N GLY A 91 13.87 -8.77 -22.37
CA GLY A 91 14.56 -9.55 -23.42
C GLY A 91 14.46 -11.05 -23.10
N PHE A 92 13.79 -11.82 -23.94
CA PHE A 92 13.57 -13.23 -23.65
C PHE A 92 14.65 -14.14 -24.21
N GLY A 122 19.02 -14.07 -22.02
CA GLY A 122 17.69 -13.71 -21.56
C GLY A 122 17.71 -12.83 -20.32
N GLU A 123 17.26 -11.59 -20.49
CA GLU A 123 17.24 -10.58 -19.43
C GLU A 123 16.57 -11.06 -18.15
N THR A 124 17.22 -10.82 -17.01
CA THR A 124 16.66 -11.22 -15.73
C THR A 124 15.59 -10.22 -15.26
N LEU A 125 14.75 -10.67 -14.33
CA LEU A 125 13.71 -9.81 -13.78
C LEU A 125 14.33 -8.61 -13.08
N GLU A 126 15.47 -8.81 -12.41
CA GLU A 126 16.18 -7.69 -11.78
C GLU A 126 16.67 -6.65 -12.80
N GLN A 127 17.13 -7.11 -13.96
CA GLN A 127 17.60 -6.18 -15.01
C GLN A 127 16.46 -5.33 -15.55
N VAL A 128 15.30 -5.96 -15.76
CA VAL A 128 14.09 -5.25 -16.17
C VAL A 128 13.67 -4.21 -15.11
N LYS A 129 13.72 -4.61 -13.84
CA LYS A 129 13.39 -3.67 -12.75
C LYS A 129 14.31 -2.46 -12.74
N THR A 130 15.60 -2.72 -12.94
CA THR A 130 16.60 -1.65 -13.05
C THR A 130 16.25 -0.69 -14.18
N ARG A 131 15.80 -1.20 -15.32
CA ARG A 131 15.35 -0.32 -16.40
C ARG A 131 14.17 0.53 -15.96
N PHE A 132 13.20 -0.06 -15.27
CA PHE A 132 12.12 0.78 -14.75
C PHE A 132 12.60 1.82 -13.74
N LYS A 133 13.52 1.46 -12.86
CA LYS A 133 14.08 2.44 -11.91
C LYS A 133 14.74 3.60 -12.65
N MET A 134 15.44 3.27 -13.74
CA MET A 134 16.07 4.31 -14.55
C MET A 134 15.03 5.15 -15.25
N PHE A 135 13.97 4.50 -15.71
CA PHE A 135 12.90 5.26 -16.36
C PHE A 135 12.27 6.25 -15.38
N LEU A 136 12.00 5.78 -14.16
CA LEU A 136 11.43 6.66 -13.13
C LEU A 136 12.31 7.86 -12.84
N LYS A 137 13.63 7.64 -12.73
CA LYS A 137 14.58 8.75 -12.56
C LYS A 137 14.43 9.80 -13.67
N SER A 138 14.43 9.32 -14.90
CA SER A 138 14.24 10.16 -16.08
C SER A 138 12.90 10.91 -16.03
N LEU A 139 11.83 10.15 -15.74
CA LEU A 139 10.48 10.69 -15.59
C LEU A 139 10.38 11.83 -14.56
N PHE A 140 10.89 11.60 -13.36
CA PHE A 140 10.83 12.64 -12.34
C PHE A 140 11.57 13.89 -12.82
N GLN A 141 12.79 13.71 -13.35
CA GLN A 141 13.58 14.85 -13.84
C GLN A 141 12.84 15.62 -14.95
N ARG A 142 12.29 14.88 -15.91
CA ARG A 142 11.54 15.50 -17.01
C ARG A 142 10.33 16.29 -16.53
N MET A 143 9.54 15.71 -15.63
CA MET A 143 8.34 16.36 -15.12
C MET A 143 8.71 17.60 -14.31
N PHE A 144 9.70 17.47 -13.43
CA PHE A 144 10.14 18.59 -12.62
C PHE A 144 10.68 19.74 -13.49
N GLU A 145 11.52 19.40 -14.46
CA GLU A 145 12.13 20.40 -15.36
C GLU A 145 11.07 21.12 -16.18
N GLU A 146 10.14 20.38 -16.76
CA GLU A 146 9.11 20.98 -17.59
C GLU A 146 8.00 21.70 -16.81
N HIS A 147 7.50 21.08 -15.74
CA HIS A 147 6.31 21.62 -15.08
C HIS A 147 6.60 22.41 -13.80
N GLY A 148 7.73 22.10 -13.18
CA GLY A 148 8.22 22.88 -12.05
C GLY A 148 7.43 22.70 -10.78
N SER A 149 7.79 23.48 -9.77
CA SER A 149 7.29 23.25 -8.42
C SER A 149 6.23 24.26 -7.96
N ALA A 150 5.66 25.00 -8.92
CA ALA A 150 4.59 25.97 -8.60
C ALA A 150 3.34 25.67 -9.42
N LEU A 151 3.06 24.37 -9.59
CA LEU A 151 1.94 23.93 -10.41
C LEU A 151 0.93 23.12 -9.60
N SER A 152 1.34 21.92 -9.15
CA SER A 152 0.53 21.10 -8.25
C SER A 152 1.36 20.78 -7.02
N SER A 153 1.36 21.75 -6.11
CA SER A 153 2.27 21.80 -4.98
C SER A 153 1.53 21.50 -3.68
N ALA A 158 -2.54 11.31 3.04
CA ALA A 158 -2.54 10.12 2.18
C ALA A 158 -3.91 9.45 2.22
N ASP A 159 -4.92 10.23 1.85
CA ASP A 159 -6.29 9.75 1.80
C ASP A 159 -6.65 9.15 0.44
N GLN A 160 -7.74 8.41 0.43
CA GLN A 160 -8.23 7.69 -0.75
C GLN A 160 -8.58 8.67 -1.89
N PRO A 161 -8.04 8.45 -3.11
CA PRO A 161 -8.50 9.24 -4.27
C PRO A 161 -9.95 8.88 -4.62
N VAL A 162 -10.61 9.71 -5.41
CA VAL A 162 -11.97 9.40 -5.84
C VAL A 162 -11.95 8.40 -6.98
N ILE A 163 -12.48 7.21 -6.72
CA ILE A 163 -12.52 6.13 -7.68
C ILE A 163 -13.97 5.77 -7.99
N ALA A 164 -14.45 6.20 -9.14
CA ALA A 164 -15.86 6.03 -9.48
C ALA A 164 -16.05 4.96 -10.54
N GLY A 165 -14.95 4.31 -10.93
CA GLY A 165 -14.95 3.39 -12.07
C GLY A 165 -14.97 4.12 -13.41
N LEU A 166 -14.48 5.36 -13.44
CA LEU A 166 -14.39 6.14 -14.69
C LEU A 166 -12.93 6.35 -15.13
N ALA A 167 -12.75 6.78 -16.39
CA ALA A 167 -11.44 6.95 -16.99
C ALA A 167 -10.53 7.94 -16.27
N ASP A 168 -11.12 8.95 -15.65
CA ASP A 168 -10.34 9.99 -14.97
C ASP A 168 -10.14 9.75 -13.47
N ASP A 169 -10.48 8.54 -13.00
CA ASP A 169 -10.31 8.16 -11.58
C ASP A 169 -8.93 8.56 -11.03
N GLY A 170 -8.94 9.26 -9.91
CA GLY A 170 -7.72 9.68 -9.24
C GLY A 170 -6.97 10.85 -9.88
N ALA A 171 -7.41 11.29 -11.06
CA ALA A 171 -6.68 12.34 -11.78
C ALA A 171 -7.53 13.54 -12.18
N GLN A 172 -8.74 13.61 -11.62
CA GLN A 172 -9.69 14.66 -11.97
C GLN A 172 -9.07 16.06 -11.79
N ASN A 173 -8.35 16.24 -10.69
CA ASN A 173 -7.74 17.51 -10.33
C ASN A 173 -6.23 17.46 -10.43
N VAL A 174 -5.70 16.64 -11.32
CA VAL A 174 -4.25 16.50 -11.46
C VAL A 174 -3.85 16.91 -12.88
N PRO A 175 -3.42 18.18 -13.06
CA PRO A 175 -3.26 18.68 -14.43
C PRO A 175 -2.07 18.05 -15.18
N VAL A 176 -1.02 17.68 -14.46
CA VAL A 176 0.15 17.06 -15.09
C VAL A 176 -0.12 15.55 -15.17
N HIS A 177 -0.13 15.02 -16.40
CA HIS A 177 -0.54 13.64 -16.62
C HIS A 177 0.25 13.01 -17.76
N ALA A 178 1.05 12.01 -17.42
CA ALA A 178 1.92 11.33 -18.37
C ALA A 178 1.28 10.01 -18.77
N LEU A 179 1.38 9.69 -20.06
CA LEU A 179 0.98 8.39 -20.57
C LEU A 179 2.23 7.55 -20.88
N MET A 180 2.25 6.30 -20.42
CA MET A 180 3.36 5.36 -20.68
C MET A 180 2.75 4.17 -21.39
N VAL A 181 3.24 3.86 -22.58
CA VAL A 181 2.77 2.70 -23.31
C VAL A 181 3.92 1.72 -23.43
N SER A 182 3.72 0.52 -22.90
CA SER A 182 4.82 -0.44 -22.78
C SER A 182 4.34 -1.88 -22.95
N HIS A 183 5.08 -2.82 -22.36
CA HIS A 183 4.90 -4.26 -22.61
C HIS A 183 4.54 -5.00 -21.34
N GLY A 184 3.96 -6.19 -21.49
CA GLY A 184 3.31 -6.88 -20.38
C GLY A 184 4.23 -7.24 -19.24
N ALA A 185 5.37 -7.86 -19.55
CA ALA A 185 6.28 -8.28 -18.48
C ALA A 185 6.93 -7.06 -17.81
N PHE A 186 7.32 -6.07 -18.61
CA PHE A 186 7.89 -4.83 -18.08
C PHE A 186 6.90 -4.13 -17.13
N ILE A 187 5.64 -4.04 -17.54
CA ILE A 187 4.63 -3.31 -16.76
C ILE A 187 4.38 -4.07 -15.45
N ARG A 188 4.31 -5.39 -15.53
CA ARG A 188 4.10 -6.19 -14.32
C ARG A 188 5.22 -5.96 -13.32
N ILE A 189 6.47 -5.99 -13.80
CA ILE A 189 7.64 -5.77 -12.96
C ILE A 189 7.68 -4.33 -12.42
N SER A 190 7.23 -3.37 -13.23
CA SER A 190 7.19 -1.96 -12.83
C SER A 190 6.21 -1.74 -11.67
N VAL A 191 5.03 -2.34 -11.77
CA VAL A 191 4.01 -2.27 -10.72
C VAL A 191 4.52 -2.89 -9.41
N ARG A 192 5.17 -4.04 -9.50
CA ARG A 192 5.77 -4.63 -8.29
C ARG A 192 6.75 -3.69 -7.62
N HIS A 193 7.64 -3.11 -8.42
CA HIS A 193 8.56 -2.10 -7.92
C HIS A 193 7.84 -0.94 -7.21
N LEU A 194 6.83 -0.35 -7.86
CA LEU A 194 6.09 0.79 -7.29
C LEU A 194 5.43 0.39 -5.97
N VAL A 195 4.78 -0.78 -5.96
CA VAL A 195 3.98 -1.20 -4.81
C VAL A 195 4.86 -1.72 -3.68
N GLU A 196 5.82 -2.59 -4.02
CA GLU A 196 6.60 -3.25 -2.98
C GLU A 196 7.86 -2.49 -2.54
N ASP A 197 8.68 -2.09 -3.51
CA ASP A 197 9.98 -1.48 -3.19
C ASP A 197 9.87 -0.05 -2.67
N LEU A 198 8.87 0.71 -3.11
CA LEU A 198 8.73 2.11 -2.71
C LEU A 198 7.61 2.29 -1.68
N GLN A 199 7.58 3.45 -1.02
CA GLN A 199 6.45 3.86 -0.20
C GLN A 199 5.26 4.04 -1.12
N CYS A 200 4.21 3.26 -0.90
CA CYS A 200 3.09 3.19 -1.81
C CYS A 200 1.74 3.00 -1.09
N CYS A 201 0.74 3.73 -1.55
CA CYS A 201 -0.61 3.65 -1.02
C CYS A 201 -1.51 2.94 -2.02
N LEU A 202 -2.39 2.10 -1.52
CA LEU A 202 -3.36 1.42 -2.36
C LEU A 202 -4.79 1.59 -1.79
N PRO A 203 -5.76 1.85 -2.66
CA PRO A 203 -7.08 2.27 -2.18
C PRO A 203 -7.94 1.13 -1.60
N ALA A 204 -9.04 1.50 -0.93
CA ALA A 204 -9.99 0.53 -0.39
C ALA A 204 -10.48 -0.43 -1.48
N GLY A 205 -10.61 -1.71 -1.13
CA GLY A 205 -11.29 -2.68 -2.01
C GLY A 205 -10.50 -3.17 -3.21
N LEU A 206 -9.22 -2.82 -3.29
CA LEU A 206 -8.40 -3.27 -4.40
C LEU A 206 -7.67 -4.55 -3.94
N LYS A 207 -8.02 -5.68 -4.53
CA LYS A 207 -7.44 -6.96 -4.10
C LYS A 207 -6.00 -7.07 -4.58
N MET A 208 -5.12 -7.57 -3.72
CA MET A 208 -3.72 -7.72 -4.11
C MET A 208 -3.58 -8.66 -5.32
N ASN A 209 -4.51 -9.60 -5.43
CA ASN A 209 -4.57 -10.50 -6.58
C ASN A 209 -4.67 -9.73 -7.92
N GLN A 210 -5.47 -8.68 -7.91
CA GLN A 210 -5.61 -7.81 -9.05
C GLN A 210 -4.38 -6.94 -9.22
N VAL A 211 -3.86 -6.42 -8.11
CA VAL A 211 -2.66 -5.56 -8.16
C VAL A 211 -1.51 -6.24 -8.91
N PHE A 212 -1.32 -7.54 -8.64
CA PHE A 212 -0.18 -8.29 -9.17
C PHE A 212 -0.51 -9.18 -10.38
N SER A 213 -1.74 -9.03 -10.89
CA SER A 213 -2.21 -9.75 -12.06
C SER A 213 -1.41 -9.37 -13.32
N PRO A 214 -1.36 -10.28 -14.31
CA PRO A 214 -0.74 -9.92 -15.60
C PRO A 214 -1.64 -8.97 -16.39
N CYS A 215 -1.04 -8.01 -17.10
CA CYS A 215 -1.81 -6.99 -17.79
C CYS A 215 -2.32 -7.50 -19.14
N PRO A 216 -3.66 -7.36 -19.40
CA PRO A 216 -4.22 -7.67 -20.71
C PRO A 216 -3.75 -6.66 -21.76
N ASN A 217 -3.92 -6.99 -23.04
CA ASN A 217 -3.61 -6.04 -24.12
C ASN A 217 -4.45 -4.80 -23.96
N THR A 218 -3.79 -3.65 -24.01
CA THR A 218 -4.42 -2.35 -23.71
C THR A 218 -5.02 -2.26 -22.29
N GLY A 219 -4.63 -3.14 -21.39
CA GLY A 219 -4.98 -2.95 -19.96
C GLY A 219 -4.42 -1.62 -19.44
N ILE A 220 -5.20 -0.93 -18.62
CA ILE A 220 -4.81 0.41 -18.16
C ILE A 220 -4.60 0.44 -16.64
N SER A 221 -3.48 1.01 -16.20
CA SER A 221 -3.20 1.25 -14.79
C SER A 221 -2.97 2.74 -14.50
N ARG A 222 -3.11 3.13 -13.23
CA ARG A 222 -2.86 4.52 -12.88
C ARG A 222 -2.25 4.69 -11.50
N PHE A 223 -1.19 5.49 -11.44
CA PHE A 223 -0.55 5.87 -10.18
C PHE A 223 -0.45 7.40 -10.13
N ILE A 224 -0.53 7.95 -8.92
CA ILE A 224 -0.31 9.38 -8.72
C ILE A 224 0.97 9.51 -7.89
N PHE A 225 1.92 10.29 -8.42
CA PHE A 225 3.21 10.54 -7.81
C PHE A 225 3.29 11.93 -7.23
N THR A 226 3.88 12.02 -6.05
CA THR A 226 4.29 13.31 -5.51
C THR A 226 5.81 13.27 -5.34
N ILE A 227 6.49 14.25 -5.91
CA ILE A 227 7.95 14.25 -5.88
C ILE A 227 8.47 15.60 -5.38
N HIS A 228 9.66 15.59 -4.82
CA HIS A 228 10.30 16.80 -4.37
C HIS A 228 11.82 16.59 -4.36
N ARG A 229 12.55 17.69 -4.45
CA ARG A 229 14.01 17.62 -4.47
C ARG A 229 14.53 17.56 -3.04
N GLU A 230 15.07 16.40 -2.68
CA GLU A 230 15.71 16.23 -1.37
C GLU A 230 17.22 16.03 -1.55
N GLU A 231 17.98 17.00 -1.05
CA GLU A 231 19.46 17.01 -1.16
C GLU A 231 19.90 16.91 -2.62
N SER A 232 19.30 17.74 -3.47
CA SER A 232 19.57 17.79 -4.92
C SER A 232 19.02 16.61 -5.73
N VAL A 233 18.62 15.54 -5.04
CA VAL A 233 18.05 14.38 -5.71
C VAL A 233 16.52 14.44 -5.64
N LEU A 234 15.88 14.17 -6.77
CA LEU A 234 14.42 14.07 -6.81
C LEU A 234 13.98 12.72 -6.27
N ARG A 235 13.08 12.75 -5.30
CA ARG A 235 12.51 11.54 -4.73
C ARG A 235 10.99 11.63 -4.69
N ALA A 236 10.32 10.49 -4.84
CA ALA A 236 8.89 10.41 -4.60
C ALA A 236 8.62 10.44 -3.10
N THR A 237 7.80 11.38 -2.64
CA THR A 237 7.36 11.35 -1.25
C THR A 237 6.16 10.40 -1.08
N ARG A 238 5.21 10.49 -2.01
CA ARG A 238 4.02 9.65 -2.02
C ARG A 238 3.80 9.05 -3.41
N ILE A 239 3.38 7.81 -3.41
CA ILE A 239 2.90 7.14 -4.60
C ILE A 239 1.54 6.55 -4.23
N GLN A 240 0.51 6.89 -5.01
CA GLN A 240 -0.83 6.38 -4.77
C GLN A 240 -1.27 5.55 -5.98
N GLY A 241 -1.52 4.26 -5.76
CA GLY A 241 -2.14 3.42 -6.80
C GLY A 241 -3.61 3.80 -6.92
N VAL A 242 -4.13 3.88 -8.12
CA VAL A 242 -5.54 4.19 -8.29
C VAL A 242 -6.29 2.95 -8.76
N PHE A 243 -5.93 2.47 -9.96
CA PHE A 243 -6.48 1.24 -10.50
C PHE A 243 -5.40 0.51 -11.30
N ILE A 244 -5.56 -0.80 -11.42
CA ILE A 244 -4.54 -1.67 -12.02
C ILE A 244 -5.18 -2.59 -13.05
N ASN A 245 -4.64 -2.59 -14.26
CA ASN A 245 -4.99 -3.54 -15.32
C ASN A 245 -6.47 -3.48 -15.71
N ARG A 246 -7.01 -2.27 -15.71
CA ARG A 246 -8.41 -2.05 -16.02
C ARG A 246 -8.66 -2.33 -17.50
N LYS A 247 -9.74 -3.04 -17.79
CA LYS A 247 -10.06 -3.39 -19.17
C LYS A 247 -11.55 -3.25 -19.50
N ASP A 248 -12.23 -2.32 -18.80
CA ASP A 248 -13.65 -2.03 -19.02
C ASP A 248 -13.96 -1.71 -20.49
N HIS A 249 -13.01 -1.03 -21.14
CA HIS A 249 -13.12 -0.64 -22.55
C HIS A 249 -13.14 -1.83 -23.53
N LEU A 250 -12.74 -3.02 -23.09
CA LEU A 250 -12.82 -4.19 -23.97
C LEU A 250 -14.17 -4.90 -23.82
N LEU B 2 -7.22 13.04 14.90
CA LEU B 2 -6.32 12.29 15.83
C LEU B 2 -5.44 11.30 15.08
N THR B 3 -4.14 11.33 15.38
CA THR B 3 -3.19 10.36 14.86
C THR B 3 -2.76 9.48 16.03
N PHE B 4 -2.79 8.16 15.85
CA PHE B 4 -2.27 7.28 16.90
C PHE B 4 -1.56 6.07 16.32
N ALA B 5 -0.58 5.56 17.07
CA ALA B 5 0.09 4.32 16.72
C ALA B 5 -0.64 3.12 17.33
N LEU B 6 -0.60 2.00 16.60
CA LEU B 6 -1.09 0.73 17.07
C LEU B 6 0.02 -0.32 16.92
N THR B 7 0.52 -0.82 18.05
CA THR B 7 1.45 -1.94 18.03
C THR B 7 0.67 -3.23 18.30
N ILE B 8 0.87 -4.21 17.43
CA ILE B 8 0.14 -5.48 17.50
C ILE B 8 1.11 -6.62 17.80
N VAL B 9 0.77 -7.41 18.82
CA VAL B 9 1.63 -8.52 19.24
C VAL B 9 0.83 -9.82 19.39
N ARG B 10 1.29 -10.88 18.74
CA ARG B 10 0.76 -12.21 18.99
C ARG B 10 1.27 -12.73 20.36
N HIS B 11 0.41 -13.43 21.09
CA HIS B 11 0.79 -13.98 22.41
C HIS B 11 1.96 -14.97 22.29
N GLY B 12 2.65 -15.20 23.39
CA GLY B 12 3.77 -16.15 23.39
C GLY B 12 3.30 -17.58 23.25
N GLU B 13 4.27 -18.48 23.14
CA GLU B 13 4.01 -19.91 22.98
C GLU B 13 3.13 -20.47 24.10
N THR B 14 2.12 -21.22 23.69
CA THR B 14 1.13 -21.83 24.58
C THR B 14 1.66 -23.12 25.21
N ASP B 28 -8.28 -22.28 27.17
CA ASP B 28 -7.61 -21.22 27.93
C ASP B 28 -6.30 -21.65 28.63
N THR B 29 -5.42 -22.25 27.85
CA THR B 29 -4.09 -22.63 28.29
C THR B 29 -3.20 -21.41 28.60
N PRO B 30 -2.36 -21.52 29.64
CA PRO B 30 -1.40 -20.45 29.86
C PRO B 30 -0.19 -20.54 28.94
N LEU B 31 0.70 -19.54 29.01
CA LEU B 31 1.98 -19.55 28.32
C LEU B 31 2.87 -20.71 28.78
N SER B 32 3.62 -21.29 27.86
CA SER B 32 4.66 -22.25 28.21
C SER B 32 5.86 -21.47 28.77
N ASP B 33 6.87 -22.19 29.25
CA ASP B 33 8.05 -21.52 29.76
C ASP B 33 8.74 -20.70 28.67
N THR B 34 8.83 -21.28 27.48
CA THR B 34 9.34 -20.58 26.31
C THR B 34 8.51 -19.33 26.04
N GLY B 35 7.18 -19.49 26.06
CA GLY B 35 6.24 -18.38 25.91
C GLY B 35 6.48 -17.22 26.85
N HIS B 36 6.76 -17.53 28.11
CA HIS B 36 7.10 -16.49 29.10
C HIS B 36 8.36 -15.74 28.71
N GLN B 37 9.36 -16.47 28.23
CA GLN B 37 10.63 -15.90 27.81
C GLN B 37 10.46 -14.98 26.59
N GLN B 38 9.73 -15.47 25.59
CA GLN B 38 9.40 -14.67 24.39
C GLN B 38 8.71 -13.37 24.78
N ALA B 39 7.71 -13.47 25.65
CA ALA B 39 6.97 -12.30 26.13
C ALA B 39 7.89 -11.31 26.86
N ALA B 40 8.81 -11.84 27.67
CA ALA B 40 9.79 -11.01 28.38
C ALA B 40 10.67 -10.23 27.40
N ALA B 41 11.16 -10.93 26.38
CA ALA B 41 11.97 -10.33 25.34
C ALA B 41 11.22 -9.25 24.55
N ALA B 42 9.95 -9.48 24.25
CA ALA B 42 9.12 -8.44 23.60
C ALA B 42 8.92 -7.24 24.54
N GLY B 43 8.71 -7.54 25.82
CA GLY B 43 8.62 -6.51 26.85
C GLY B 43 9.85 -5.61 26.93
N ARG B 44 11.03 -6.23 27.03
CA ARG B 44 12.30 -5.49 27.01
C ARG B 44 12.45 -4.66 25.72
N TYR B 45 12.17 -5.28 24.57
CA TYR B 45 12.24 -4.57 23.27
C TYR B 45 11.39 -3.30 23.25
N LEU B 46 10.18 -3.40 23.79
CA LEU B 46 9.19 -2.33 23.75
C LEU B 46 9.23 -1.40 24.98
N LYS B 47 10.22 -1.61 25.86
CA LYS B 47 10.22 -0.95 27.19
C LYS B 47 10.22 0.57 27.20
N ASP B 48 10.78 1.18 26.16
CA ASP B 48 10.90 2.63 26.12
C ASP B 48 9.68 3.32 25.48
N LEU B 49 8.68 2.53 25.07
CA LEU B 49 7.46 3.09 24.49
C LEU B 49 6.43 3.40 25.57
N HIS B 50 5.73 4.52 25.41
CA HIS B 50 4.59 4.77 26.26
C HIS B 50 3.29 4.30 25.57
N PHE B 51 2.69 3.24 26.11
CA PHE B 51 1.39 2.80 25.64
C PHE B 51 0.32 3.46 26.49
N THR B 52 -0.52 4.26 25.84
CA THR B 52 -1.55 5.03 26.51
C THR B 52 -2.83 4.18 26.69
N ASN B 53 -2.92 3.09 25.91
CA ASN B 53 -4.08 2.22 25.91
C ASN B 53 -3.62 0.82 25.57
N VAL B 54 -4.24 -0.18 26.21
CA VAL B 54 -3.88 -1.58 26.00
C VAL B 54 -5.15 -2.43 25.80
N PHE B 55 -5.18 -3.20 24.74
CA PHE B 55 -6.34 -4.04 24.44
C PHE B 55 -5.89 -5.46 24.24
N VAL B 56 -6.59 -6.41 24.85
CA VAL B 56 -6.15 -7.81 24.82
C VAL B 56 -7.37 -8.71 24.71
N SER B 57 -7.20 -9.83 24.04
CA SER B 57 -8.24 -10.84 24.06
C SER B 57 -8.38 -11.36 25.50
N ASN B 58 -9.55 -11.87 25.83
CA ASN B 58 -9.79 -12.38 27.16
C ASN B 58 -9.29 -13.82 27.39
N LEU B 59 -8.33 -14.27 26.59
CA LEU B 59 -7.70 -15.58 26.81
C LEU B 59 -6.41 -15.45 27.61
N GLN B 60 -6.23 -16.38 28.57
CA GLN B 60 -5.10 -16.31 29.49
C GLN B 60 -3.77 -16.09 28.77
N ARG B 61 -3.51 -16.84 27.71
CA ARG B 61 -2.20 -16.77 27.04
C ARG B 61 -1.90 -15.36 26.50
N ALA B 62 -2.94 -14.66 26.05
CA ALA B 62 -2.82 -13.29 25.55
C ALA B 62 -2.69 -12.31 26.70
N ILE B 63 -3.51 -12.49 27.73
CA ILE B 63 -3.47 -11.63 28.91
C ILE B 63 -2.08 -11.71 29.57
N GLN B 64 -1.54 -12.92 29.67
CA GLN B 64 -0.20 -13.08 30.26
C GLN B 64 0.88 -12.37 29.46
N THR B 65 0.80 -12.46 28.13
CA THR B 65 1.75 -11.81 27.25
C THR B 65 1.69 -10.29 27.43
N ALA B 66 0.48 -9.75 27.48
CA ALA B 66 0.28 -8.30 27.66
C ALA B 66 0.79 -7.80 29.02
N GLU B 67 0.52 -8.57 30.08
CA GLU B 67 1.01 -8.22 31.43
C GLU B 67 2.53 -8.21 31.51
N ILE B 68 3.16 -9.19 30.88
CA ILE B 68 4.63 -9.28 30.89
C ILE B 68 5.24 -8.14 30.07
N ILE B 69 4.60 -7.76 28.95
CA ILE B 69 5.06 -6.61 28.18
C ILE B 69 4.98 -5.34 29.02
N LEU B 70 3.84 -5.14 29.68
CA LEU B 70 3.64 -3.98 30.55
C LEU B 70 4.56 -4.04 31.78
N GLY B 71 4.77 -5.22 32.34
CA GLY B 71 5.63 -5.38 33.54
C GLY B 71 7.07 -4.97 33.26
N ASN B 72 7.48 -5.16 32.01
CA ASN B 72 8.81 -4.77 31.54
C ASN B 72 8.91 -3.32 31.05
N ASN B 73 7.79 -2.61 31.06
CA ASN B 73 7.73 -1.28 30.45
C ASN B 73 8.04 -0.16 31.43
N LEU B 74 8.69 0.90 30.96
CA LEU B 74 9.14 1.97 31.85
C LEU B 74 8.15 3.11 32.01
N HIS B 75 7.08 3.10 31.22
CA HIS B 75 6.20 4.26 31.14
C HIS B 75 4.74 3.97 31.36
N SER B 76 4.34 2.71 31.16
CA SER B 76 2.93 2.39 30.95
C SER B 76 2.25 1.66 32.11
N SER B 77 2.89 1.66 33.29
CA SER B 77 2.33 0.96 34.46
C SER B 77 0.87 1.29 34.79
N ALA B 78 0.53 2.57 34.79
CA ALA B 78 -0.84 3.00 35.09
C ALA B 78 -1.84 2.78 33.94
N THR B 79 -1.38 2.29 32.79
CA THR B 79 -2.31 1.97 31.70
C THR B 79 -3.06 0.67 32.02
N GLU B 80 -4.37 0.76 32.16
CA GLU B 80 -5.22 -0.41 32.42
C GLU B 80 -5.46 -1.26 31.16
N MET B 81 -5.31 -2.56 31.31
CA MET B 81 -5.54 -3.57 30.28
C MET B 81 -7.06 -3.66 30.06
N ILE B 82 -7.51 -3.40 28.83
CA ILE B 82 -8.92 -3.63 28.47
C ILE B 82 -9.04 -5.01 27.80
N LEU B 83 -9.92 -5.84 28.33
CA LEU B 83 -10.14 -7.16 27.76
C LEU B 83 -11.26 -7.05 26.74
N ASP B 84 -11.02 -7.61 25.55
CA ASP B 84 -12.01 -7.56 24.47
C ASP B 84 -12.15 -8.92 23.81
N PRO B 85 -13.31 -9.56 23.97
CA PRO B 85 -13.57 -10.85 23.30
C PRO B 85 -13.47 -10.77 21.77
N LEU B 86 -13.67 -9.58 21.21
CA LEU B 86 -13.53 -9.38 19.75
C LEU B 86 -12.11 -9.75 19.25
N LEU B 87 -11.15 -9.82 20.16
CA LEU B 87 -9.77 -10.08 19.82
C LEU B 87 -9.37 -11.57 19.93
N ARG B 88 -10.34 -12.43 20.27
CA ARG B 88 -10.14 -13.88 20.38
C ARG B 88 -9.73 -14.48 19.05
N GLU B 89 -9.05 -15.63 19.13
CA GLU B 89 -8.64 -16.39 17.96
C GLU B 89 -9.83 -16.84 17.13
N ARG B 90 -9.58 -17.00 15.83
CA ARG B 90 -10.54 -17.65 14.96
C ARG B 90 -11.00 -18.99 15.58
N GLY B 91 -12.31 -19.20 15.66
CA GLY B 91 -12.87 -20.49 16.14
C GLY B 91 -12.58 -21.59 15.13
N PHE B 92 -12.01 -22.70 15.59
CA PHE B 92 -11.74 -23.86 14.70
C PHE B 92 -12.64 -25.07 14.94
N PRO B 119 -13.71 -25.10 8.01
CA PRO B 119 -14.27 -24.65 9.29
C PRO B 119 -15.46 -25.52 9.74
N PRO B 120 -15.22 -26.55 10.58
CA PRO B 120 -16.31 -27.40 11.11
C PRO B 120 -16.39 -27.57 12.64
N GLY B 121 -17.39 -26.99 13.33
CA GLY B 121 -18.12 -25.82 12.89
C GLY B 121 -17.24 -24.62 13.23
N GLY B 122 -16.30 -24.33 12.35
CA GLY B 122 -15.36 -23.23 12.58
C GLY B 122 -15.85 -21.90 12.05
N GLU B 123 -15.30 -20.83 12.61
CA GLU B 123 -15.56 -19.47 12.17
C GLU B 123 -14.99 -19.29 10.78
N THR B 124 -15.76 -18.65 9.90
CA THR B 124 -15.25 -18.32 8.58
C THR B 124 -14.27 -17.15 8.69
N LEU B 125 -13.45 -16.98 7.66
CA LEU B 125 -12.53 -15.86 7.55
C LEU B 125 -13.29 -14.52 7.64
N GLU B 126 -14.38 -14.40 6.88
CA GLU B 126 -15.20 -13.18 6.94
C GLU B 126 -15.81 -12.90 8.31
N GLN B 127 -16.19 -13.95 9.03
CA GLN B 127 -16.71 -13.75 10.39
C GLN B 127 -15.64 -13.18 11.30
N VAL B 128 -14.41 -13.70 11.17
CA VAL B 128 -13.26 -13.17 11.96
C VAL B 128 -13.03 -11.71 11.58
N LYS B 129 -13.03 -11.44 10.28
CA LYS B 129 -12.80 -10.11 9.81
C LYS B 129 -13.83 -9.11 10.34
N THR B 130 -15.08 -9.57 10.43
CA THR B 130 -16.16 -8.79 11.04
C THR B 130 -15.87 -8.41 12.50
N ARG B 131 -15.33 -9.34 13.29
CA ARG B 131 -14.93 -9.03 14.66
C ARG B 131 -13.86 -7.95 14.68
N PHE B 132 -12.90 -8.06 13.77
CA PHE B 132 -11.88 -7.02 13.67
C PHE B 132 -12.44 -5.65 13.26
N LYS B 133 -13.38 -5.64 12.33
CA LYS B 133 -13.99 -4.37 11.91
C LYS B 133 -14.73 -3.71 13.06
N MET B 134 -15.39 -4.54 13.88
CA MET B 134 -16.07 -4.06 15.10
C MET B 134 -15.12 -3.50 16.13
N PHE B 135 -14.01 -4.21 16.34
CA PHE B 135 -12.96 -3.75 17.24
C PHE B 135 -12.41 -2.40 16.79
N LEU B 136 -12.15 -2.27 15.50
CA LEU B 136 -11.53 -1.08 14.94
C LEU B 136 -12.48 0.12 15.11
N LYS B 137 -13.77 -0.08 14.83
CA LYS B 137 -14.78 0.95 15.04
C LYS B 137 -14.83 1.40 16.53
N SER B 138 -14.79 0.42 17.44
CA SER B 138 -14.76 0.69 18.87
C SER B 138 -13.45 1.38 19.29
N LEU B 139 -12.34 0.91 18.75
CA LEU B 139 -11.03 1.52 19.01
C LEU B 139 -11.00 2.99 18.62
N PHE B 140 -11.42 3.29 17.41
CA PHE B 140 -11.45 4.68 16.96
C PHE B 140 -12.29 5.55 17.90
N GLN B 141 -13.47 5.04 18.28
CA GLN B 141 -14.39 5.78 19.13
C GLN B 141 -13.76 6.02 20.49
N ARG B 142 -13.15 4.99 21.05
CA ARG B 142 -12.51 5.10 22.38
C ARG B 142 -11.34 6.07 22.34
N MET B 143 -10.50 5.94 21.31
CA MET B 143 -9.28 6.74 21.20
C MET B 143 -9.63 8.20 20.95
N PHE B 144 -10.68 8.41 20.18
CA PHE B 144 -11.16 9.76 19.92
C PHE B 144 -11.78 10.41 21.17
N GLU B 145 -12.60 9.67 21.89
CA GLU B 145 -13.22 10.18 23.11
C GLU B 145 -12.17 10.53 24.16
N GLU B 146 -11.11 9.71 24.27
CA GLU B 146 -10.06 9.96 25.25
C GLU B 146 -9.03 11.02 24.83
N HIS B 147 -8.55 10.96 23.59
CA HIS B 147 -7.39 11.74 23.16
C HIS B 147 -7.69 12.82 22.13
N GLY B 148 -8.90 12.79 21.56
CA GLY B 148 -9.26 13.62 20.41
C GLY B 148 -9.06 15.11 20.60
N GLN B 160 6.65 8.90 4.29
CA GLN B 160 7.04 7.63 4.88
C GLN B 160 7.63 7.82 6.31
N PRO B 161 7.23 6.94 7.24
CA PRO B 161 7.79 6.95 8.60
C PRO B 161 9.28 6.67 8.61
N VAL B 162 9.98 7.16 9.64
CA VAL B 162 11.39 6.83 9.84
C VAL B 162 11.47 5.40 10.38
N ILE B 163 12.03 4.51 9.55
CA ILE B 163 12.18 3.11 9.92
C ILE B 163 13.65 2.77 10.04
N ALA B 164 14.12 2.75 11.27
CA ALA B 164 15.54 2.55 11.54
C ALA B 164 15.80 1.13 12.02
N GLY B 165 14.77 0.29 11.97
CA GLY B 165 14.88 -1.07 12.50
C GLY B 165 15.00 -1.06 14.02
N LEU B 166 14.34 -0.08 14.65
CA LEU B 166 14.32 0.06 16.11
C LEU B 166 12.88 -0.02 16.64
N ALA B 167 12.73 -0.23 17.94
CA ALA B 167 11.43 -0.47 18.58
C ALA B 167 10.43 0.68 18.40
N ASP B 168 10.93 1.90 18.27
CA ASP B 168 10.07 3.08 18.10
C ASP B 168 9.84 3.48 16.64
N ASP B 169 10.24 2.62 15.69
CA ASP B 169 10.01 2.91 14.26
C ASP B 169 8.60 3.42 14.01
N GLY B 170 8.52 4.55 13.32
CA GLY B 170 7.24 5.14 12.94
C GLY B 170 6.42 5.75 14.07
N ALA B 171 6.88 5.61 15.31
CA ALA B 171 6.15 6.17 16.46
C ALA B 171 6.94 7.20 17.26
N GLN B 172 7.98 7.77 16.65
CA GLN B 172 8.90 8.66 17.36
C GLN B 172 8.19 9.91 17.90
N ASN B 173 7.36 10.53 17.07
CA ASN B 173 6.55 11.66 17.56
C ASN B 173 5.05 11.43 17.50
N VAL B 174 4.64 10.26 17.98
CA VAL B 174 3.23 9.92 18.08
C VAL B 174 2.98 9.56 19.55
N PRO B 175 2.58 10.55 20.35
CA PRO B 175 2.38 10.31 21.78
C PRO B 175 1.22 9.36 22.11
N VAL B 176 0.16 9.35 21.30
CA VAL B 176 -0.95 8.43 21.54
C VAL B 176 -0.62 7.07 20.89
N HIS B 177 -0.61 6.00 21.68
CA HIS B 177 -0.08 4.71 21.22
C HIS B 177 -0.77 3.55 21.91
N ALA B 178 -1.49 2.74 21.13
CA ALA B 178 -2.22 1.59 21.68
C ALA B 178 -1.45 0.31 21.43
N LEU B 179 -1.49 -0.59 22.41
CA LEU B 179 -0.97 -1.95 22.28
C LEU B 179 -2.16 -2.91 22.14
N MET B 180 -2.09 -3.82 21.16
CA MET B 180 -3.15 -4.82 20.96
C MET B 180 -2.46 -6.17 21.05
N VAL B 181 -2.96 -7.05 21.91
CA VAL B 181 -2.35 -8.39 22.04
C VAL B 181 -3.39 -9.43 21.70
N SER B 182 -3.08 -10.27 20.71
CA SER B 182 -4.12 -11.14 20.15
C SER B 182 -3.49 -12.45 19.66
N HIS B 183 -4.13 -13.10 18.70
CA HIS B 183 -3.77 -14.45 18.29
C HIS B 183 -3.39 -14.51 16.80
N GLY B 184 -2.65 -15.55 16.41
CA GLY B 184 -2.06 -15.65 15.08
C GLY B 184 -2.98 -15.56 13.87
N ALA B 185 -4.05 -16.35 13.86
CA ALA B 185 -4.94 -16.33 12.69
C ALA B 185 -5.73 -15.02 12.63
N PHE B 186 -6.19 -14.56 13.80
CA PHE B 186 -6.89 -13.29 13.90
C PHE B 186 -6.01 -12.14 13.40
N ILE B 187 -4.76 -12.10 13.83
CA ILE B 187 -3.86 -11.00 13.45
C ILE B 187 -3.59 -11.00 11.95
N ARG B 188 -3.38 -12.19 11.40
CA ARG B 188 -3.15 -12.36 9.97
C ARG B 188 -4.33 -11.82 9.15
N ILE B 189 -5.54 -12.19 9.57
CA ILE B 189 -6.76 -11.73 8.88
C ILE B 189 -6.94 -10.21 9.05
N SER B 190 -6.63 -9.70 10.25
CA SER B 190 -6.72 -8.25 10.54
C SER B 190 -5.73 -7.43 9.71
N VAL B 191 -4.50 -7.90 9.65
CA VAL B 191 -3.46 -7.23 8.87
C VAL B 191 -3.85 -7.14 7.39
N ARG B 192 -4.38 -8.25 6.85
CA ARG B 192 -4.79 -8.27 5.47
C ARG B 192 -5.99 -7.33 5.25
N HIS B 193 -6.90 -7.29 6.22
CA HIS B 193 -8.00 -6.30 6.16
C HIS B 193 -7.44 -4.86 6.08
N LEU B 194 -6.52 -4.51 6.96
CA LEU B 194 -5.93 -3.15 6.94
C LEU B 194 -5.28 -2.78 5.60
N VAL B 195 -4.50 -3.71 5.06
CA VAL B 195 -3.63 -3.44 3.90
C VAL B 195 -4.42 -3.54 2.59
N GLU B 196 -5.32 -4.52 2.53
CA GLU B 196 -6.04 -4.83 1.31
C GLU B 196 -7.44 -4.15 1.25
N ASP B 197 -8.30 -4.39 2.23
CA ASP B 197 -9.67 -3.84 2.16
C ASP B 197 -9.76 -2.31 2.30
N LEU B 198 -8.83 -1.73 3.05
CA LEU B 198 -8.82 -0.27 3.33
C LEU B 198 -7.78 0.49 2.48
N GLN B 199 -7.91 1.82 2.41
CA GLN B 199 -6.85 2.70 1.89
C GLN B 199 -5.69 2.58 2.86
N CYS B 200 -4.52 2.15 2.39
CA CYS B 200 -3.41 1.89 3.30
C CYS B 200 -2.08 2.12 2.61
N CYS B 201 -1.14 2.71 3.33
CA CYS B 201 0.21 2.91 2.81
C CYS B 201 1.17 1.91 3.42
N LEU B 202 2.09 1.41 2.61
CA LEU B 202 3.15 0.55 3.12
C LEU B 202 4.49 1.14 2.70
N PRO B 203 5.51 1.08 3.60
CA PRO B 203 6.79 1.76 3.39
C PRO B 203 7.70 1.05 2.37
N ALA B 204 8.77 1.74 1.96
CA ALA B 204 9.75 1.20 1.04
C ALA B 204 10.30 -0.10 1.61
N GLY B 205 10.45 -1.11 0.75
CA GLY B 205 11.18 -2.32 1.13
C GLY B 205 10.34 -3.37 1.81
N LEU B 206 9.06 -3.09 2.05
CA LEU B 206 8.16 -4.05 2.67
C LEU B 206 7.46 -4.87 1.58
N LYS B 207 7.94 -6.09 1.40
CA LYS B 207 7.44 -7.02 0.41
C LYS B 207 6.16 -7.68 0.89
N MET B 208 5.30 -8.00 -0.06
CA MET B 208 3.99 -8.59 0.22
C MET B 208 4.08 -9.97 0.86
N ASN B 209 5.12 -10.74 0.52
CA ASN B 209 5.30 -12.04 1.17
C ASN B 209 5.49 -11.86 2.69
N GLN B 210 6.23 -10.83 3.10
CA GLN B 210 6.36 -10.49 4.52
C GLN B 210 5.03 -9.96 5.12
N VAL B 211 4.34 -9.11 4.37
CA VAL B 211 3.07 -8.52 4.81
C VAL B 211 2.04 -9.59 5.13
N PHE B 212 1.97 -10.61 4.29
CA PHE B 212 0.95 -11.64 4.38
C PHE B 212 1.40 -12.91 5.11
N SER B 213 2.63 -12.86 5.65
CA SER B 213 3.24 -14.00 6.33
C SER B 213 2.56 -14.34 7.67
N PRO B 214 2.69 -15.60 8.13
CA PRO B 214 2.08 -15.91 9.43
C PRO B 214 2.88 -15.26 10.55
N CYS B 215 2.21 -14.80 11.61
CA CYS B 215 2.91 -14.12 12.70
C CYS B 215 3.59 -15.11 13.67
N PRO B 216 4.87 -14.90 13.98
CA PRO B 216 5.48 -15.75 15.01
C PRO B 216 4.96 -15.36 16.40
N ASN B 217 5.14 -16.24 17.38
CA ASN B 217 4.81 -15.93 18.78
C ASN B 217 5.57 -14.70 19.23
N THR B 218 4.83 -13.74 19.77
CA THR B 218 5.31 -12.40 20.11
C THR B 218 5.87 -11.60 18.93
N GLY B 219 5.55 -12.03 17.70
CA GLY B 219 5.79 -11.20 16.51
C GLY B 219 5.09 -9.85 16.64
N ILE B 220 5.72 -8.79 16.16
CA ILE B 220 5.25 -7.43 16.44
C ILE B 220 5.01 -6.70 15.14
N SER B 221 3.82 -6.11 15.01
CA SER B 221 3.51 -5.27 13.85
C SER B 221 3.11 -3.89 14.34
N ARG B 222 3.18 -2.90 13.44
CA ARG B 222 2.77 -1.53 13.77
C ARG B 222 2.12 -0.81 12.59
N PHE B 223 1.01 -0.12 12.89
CA PHE B 223 0.33 0.76 11.95
C PHE B 223 0.09 2.12 12.63
N ILE B 224 0.07 3.18 11.82
CA ILE B 224 -0.26 4.50 12.31
C ILE B 224 -1.58 4.89 11.67
N PHE B 225 -2.53 5.33 12.49
CA PHE B 225 -3.87 5.69 12.02
C PHE B 225 -4.10 7.19 12.18
N THR B 226 -4.72 7.80 11.17
CA THR B 226 -5.20 9.18 11.28
C THR B 226 -6.73 9.16 11.12
N ILE B 227 -7.43 9.68 12.13
CA ILE B 227 -8.90 9.63 12.14
C ILE B 227 -9.52 11.02 12.27
N HIS B 228 -10.61 11.23 11.53
CA HIS B 228 -11.36 12.48 11.51
C HIS B 228 -12.83 12.18 11.78
N ARG B 229 -13.48 13.06 12.53
CA ARG B 229 -14.94 12.99 12.68
C ARG B 229 -15.56 13.57 11.42
N GLU B 230 -16.10 12.69 10.58
CA GLU B 230 -16.64 13.07 9.28
C GLU B 230 -18.16 13.03 9.30
N GLU B 231 -18.75 14.21 9.56
CA GLU B 231 -20.21 14.41 9.62
C GLU B 231 -20.84 13.51 10.69
N SER B 232 -20.35 13.62 11.92
CA SER B 232 -20.79 12.81 13.08
C SER B 232 -20.41 11.32 13.03
N VAL B 233 -19.62 10.94 12.03
CA VAL B 233 -19.09 9.58 11.93
C VAL B 233 -17.55 9.65 11.90
N LEU B 234 -16.88 8.70 12.56
CA LEU B 234 -15.42 8.67 12.58
C LEU B 234 -14.83 7.89 11.41
N ARG B 235 -13.99 8.55 10.63
CA ARG B 235 -13.31 7.90 9.50
C ARG B 235 -11.79 7.92 9.61
N ALA B 236 -11.17 6.79 9.28
CA ALA B 236 -9.73 6.74 9.07
C ALA B 236 -9.38 7.35 7.72
N THR B 237 -8.77 8.52 7.72
CA THR B 237 -8.32 9.16 6.47
C THR B 237 -6.90 8.77 6.04
N ARG B 238 -6.19 8.04 6.89
CA ARG B 238 -4.87 7.55 6.54
C ARG B 238 -4.54 6.37 7.42
N ILE B 239 -4.06 5.30 6.81
CA ILE B 239 -3.50 4.17 7.52
C ILE B 239 -2.12 3.91 6.91
N GLN B 240 -1.10 3.86 7.78
CA GLN B 240 0.27 3.64 7.39
C GLN B 240 0.86 2.43 8.11
N GLY B 241 1.16 1.38 7.35
CA GLY B 241 1.96 0.26 7.87
C GLY B 241 3.38 0.71 8.14
N VAL B 242 3.98 0.20 9.21
CA VAL B 242 5.34 0.55 9.54
C VAL B 242 6.21 -0.71 9.40
N PHE B 243 5.83 -1.75 10.14
CA PHE B 243 6.46 -3.06 10.06
C PHE B 243 5.49 -4.18 10.42
N ILE B 244 5.76 -5.40 9.93
CA ILE B 244 4.85 -6.54 10.10
C ILE B 244 5.62 -7.75 10.57
N ASN B 245 5.12 -8.38 11.64
CA ASN B 245 5.65 -9.66 12.11
C ASN B 245 7.15 -9.60 12.42
N ARG B 246 7.58 -8.46 12.97
CA ARG B 246 8.95 -8.29 13.40
C ARG B 246 9.24 -9.19 14.60
N LYS B 247 10.41 -9.82 14.59
CA LYS B 247 10.83 -10.69 15.68
C LYS B 247 12.32 -10.54 16.01
N ASP B 248 12.83 -9.32 15.91
CA ASP B 248 14.22 -9.00 16.22
C ASP B 248 14.56 -9.34 17.68
N HIS B 249 13.60 -9.09 18.58
CA HIS B 249 13.70 -9.43 19.99
C HIS B 249 13.81 -10.95 20.18
N LEU B 250 13.52 -11.68 19.11
CA LEU B 250 13.65 -13.15 19.00
C LEU B 250 12.52 -13.90 19.68
K K C . -5.75 -1.29 -0.11
K K D . 5.78 -0.74 -0.17
#